data_5PNZ
#
_entry.id   5PNZ
#
_cell.length_a   55.289
_cell.length_b   56.217
_cell.length_c   101.888
_cell.angle_alpha   90.000
_cell.angle_beta   90.000
_cell.angle_gamma   90.000
#
_symmetry.space_group_name_H-M   'P 21 21 21'
#
loop_
_entity.id
_entity.type
_entity.pdbx_description
1 polymer 'Bromodomain-containing protein 1'
2 non-polymer 1,2-ETHANEDIOL
3 non-polymer 'SODIUM ION'
4 non-polymer 1-[(4-methoxyphenyl)methyl]-1H-tetrazole
5 water water
#
_entity_poly.entity_id   1
_entity_poly.type   'polypeptide(L)'
_entity_poly.pdbx_seq_one_letter_code
;MHHHHHHSSGVDLGTENLYFQSMEQVAMELRLTELTRLLRSVLDQLQDKDPARIFAQPVSLKEVPDYLDHIKHPMDFATM
RKRLEAQGYKNLHEFEEDFDLIIDNCMKYNARDTVFYRAAVRLRDQGGVVLRQARREVDSIGLEEASGMHLPERPA
;
_entity_poly.pdbx_strand_id   A,B
#
loop_
_chem_comp.id
_chem_comp.type
_chem_comp.name
_chem_comp.formula
8S4 non-polymer 1-[(4-methoxyphenyl)methyl]-1H-tetrazole 'C9 H10 N4 O'
EDO non-polymer 1,2-ETHANEDIOL 'C2 H6 O2'
NA non-polymer 'SODIUM ION' 'Na 1'
#
# COMPACT_ATOMS: atom_id res chain seq x y z
N SER A 22 27.37 10.35 22.63
CA SER A 22 27.20 9.42 23.73
C SER A 22 27.49 8.00 23.28
N MET A 23 27.73 7.10 24.24
CA MET A 23 28.01 5.72 23.91
CA MET A 23 28.00 5.71 23.93
C MET A 23 26.75 5.01 23.42
N GLU A 24 25.59 5.37 23.99
CA GLU A 24 24.32 4.78 23.56
C GLU A 24 24.07 5.06 22.08
N GLN A 25 24.33 6.30 21.67
CA GLN A 25 24.15 6.68 20.26
C GLN A 25 25.05 5.87 19.34
N VAL A 26 26.30 5.66 19.74
CA VAL A 26 27.22 4.82 18.98
C VAL A 26 26.71 3.38 18.86
N ALA A 27 26.17 2.84 19.93
CA ALA A 27 25.63 1.48 19.92
C ALA A 27 24.46 1.38 18.95
N MET A 28 23.58 2.36 18.98
CA MET A 28 22.45 2.45 18.04
C MET A 28 22.95 2.47 16.60
N GLU A 29 24.00 3.24 16.37
CA GLU A 29 24.57 3.36 15.03
C GLU A 29 25.21 2.05 14.58
N LEU A 30 25.80 1.32 15.50
CA LEU A 30 26.38 0.01 15.16
C LEU A 30 25.29 -0.96 14.75
N ARG A 31 24.17 -0.93 15.46
CA ARG A 31 23.02 -1.78 15.15
C ARG A 31 22.48 -1.45 13.76
N LEU A 32 22.33 -0.17 13.46
CA LEU A 32 21.90 0.27 12.13
C LEU A 32 22.87 -0.17 11.05
N THR A 33 24.17 -0.06 11.32
CA THR A 33 25.18 -0.48 10.36
C THR A 33 25.08 -1.99 10.13
N GLU A 34 24.84 -2.72 11.22
CA GLU A 34 24.64 -4.17 11.14
C GLU A 34 23.42 -4.52 10.30
N LEU A 35 22.32 -3.81 10.55
CA LEU A 35 21.10 -4.01 9.79
C LEU A 35 21.33 -3.74 8.31
N THR A 36 22.08 -2.68 8.02
CA THR A 36 22.36 -2.28 6.65
C THR A 36 23.15 -3.36 5.93
N ARG A 37 24.07 -4.01 6.64
CA ARG A 37 24.84 -5.12 6.08
C ARG A 37 23.95 -6.30 5.71
N LEU A 38 23.02 -6.65 6.60
CA LEU A 38 22.10 -7.75 6.34
C LEU A 38 21.18 -7.42 5.15
N LEU A 39 20.64 -6.19 5.14
CA LEU A 39 19.75 -5.76 4.05
C LEU A 39 20.48 -5.72 2.71
N ARG A 40 21.78 -5.42 2.72
CA ARG A 40 22.54 -5.44 1.47
C ARG A 40 22.58 -6.86 0.90
N SER A 41 22.76 -7.83 1.78
CA SER A 41 22.75 -9.24 1.37
C SER A 41 21.36 -9.62 0.85
N VAL A 42 20.31 -9.20 1.56
CA VAL A 42 18.95 -9.45 1.12
C VAL A 42 18.70 -8.82 -0.24
N LEU A 43 19.12 -7.57 -0.41
CA LEU A 43 18.90 -6.85 -1.66
C LEU A 43 19.59 -7.57 -2.83
N ASP A 44 20.80 -8.05 -2.61
CA ASP A 44 21.52 -8.77 -3.65
C ASP A 44 20.81 -10.06 -4.02
N GLN A 45 20.30 -10.77 -3.02
CA GLN A 45 19.59 -12.01 -3.28
C GLN A 45 18.28 -11.76 -4.03
N LEU A 46 17.59 -10.68 -3.68
CA LEU A 46 16.32 -10.37 -4.37
C LEU A 46 16.59 -9.99 -5.81
N GLN A 47 17.62 -9.19 -6.04
CA GLN A 47 17.91 -8.72 -7.40
C GLN A 47 18.41 -9.86 -8.30
N ASP A 48 18.96 -10.91 -7.70
CA ASP A 48 19.36 -12.07 -8.49
C ASP A 48 18.15 -12.79 -9.07
N LYS A 49 16.98 -12.55 -8.48
CA LYS A 49 15.74 -13.15 -8.95
C LYS A 49 15.11 -12.34 -10.06
N ASP A 50 15.85 -11.35 -10.55
CA ASP A 50 15.44 -10.50 -11.68
C ASP A 50 16.56 -10.47 -12.73
N PRO A 51 16.84 -11.64 -13.34
CA PRO A 51 18.01 -11.65 -14.22
C PRO A 51 17.81 -10.84 -15.49
N ALA A 52 16.55 -10.57 -15.86
CA ALA A 52 16.28 -9.73 -17.01
C ALA A 52 16.53 -8.23 -16.73
N ARG A 53 16.72 -7.91 -15.45
CA ARG A 53 16.98 -6.53 -14.98
C ARG A 53 15.83 -5.57 -15.33
N ILE A 54 14.63 -6.11 -15.32
CA ILE A 54 13.43 -5.32 -15.55
C ILE A 54 13.22 -4.27 -14.45
N PHE A 55 13.66 -4.59 -13.24
CA PHE A 55 13.41 -3.72 -12.08
C PHE A 55 14.66 -3.01 -11.57
N ALA A 56 15.71 -3.05 -12.39
CA ALA A 56 17.02 -2.54 -11.98
C ALA A 56 17.10 -1.01 -11.86
N GLN A 57 16.36 -0.31 -12.72
CA GLN A 57 16.43 1.14 -12.80
C GLN A 57 15.04 1.78 -12.76
N PRO A 58 14.96 3.08 -12.42
CA PRO A 58 13.65 3.73 -12.43
C PRO A 58 13.04 3.76 -13.83
N VAL A 59 11.72 3.65 -13.92
CA VAL A 59 11.03 3.83 -15.19
C VAL A 59 11.36 5.22 -15.73
N SER A 60 11.80 5.28 -16.98
CA SER A 60 12.18 6.54 -17.62
C SER A 60 10.96 7.39 -17.99
N LEU A 61 10.93 8.63 -17.51
CA LEU A 61 9.81 9.50 -17.77
C LEU A 61 9.91 10.07 -19.18
N LYS A 62 11.08 9.93 -19.79
CA LYS A 62 11.22 10.29 -21.20
C LYS A 62 10.58 9.21 -22.07
N GLU A 63 10.76 7.96 -21.70
CA GLU A 63 10.23 6.85 -22.48
C GLU A 63 8.79 6.46 -22.10
N VAL A 64 8.39 6.75 -20.87
CA VAL A 64 7.02 6.55 -20.41
C VAL A 64 6.50 7.84 -19.79
N PRO A 65 6.11 8.80 -20.65
CA PRO A 65 5.81 10.15 -20.20
C PRO A 65 4.64 10.26 -19.23
N ASP A 66 3.67 9.34 -19.31
CA ASP A 66 2.50 9.42 -18.45
C ASP A 66 2.65 8.65 -17.14
N TYR A 67 3.85 8.15 -16.85
CA TYR A 67 3.98 7.17 -15.75
C TYR A 67 3.47 7.70 -14.40
N LEU A 68 3.74 8.97 -14.10
CA LEU A 68 3.42 9.51 -12.78
C LEU A 68 1.94 9.80 -12.64
N ASP A 69 1.23 9.82 -13.77
CA ASP A 69 -0.23 9.90 -13.71
C ASP A 69 -0.81 8.60 -13.16
N HIS A 70 -0.09 7.50 -13.38
CA HIS A 70 -0.57 6.18 -12.98
C HIS A 70 -0.02 5.76 -11.63
N ILE A 71 1.28 5.94 -11.47
CA ILE A 71 2.03 5.46 -10.31
C ILE A 71 2.54 6.62 -9.47
N LYS A 72 2.07 6.69 -8.23
CA LYS A 72 2.38 7.84 -7.38
C LYS A 72 3.69 7.73 -6.61
N HIS A 73 4.15 6.49 -6.39
CA HIS A 73 5.42 6.27 -5.70
C HIS A 73 6.26 5.23 -6.42
N PRO A 74 6.95 5.65 -7.49
CA PRO A 74 7.83 4.77 -8.26
C PRO A 74 8.93 4.19 -7.38
N MET A 75 9.38 2.98 -7.70
CA MET A 75 10.50 2.39 -6.97
C MET A 75 11.23 1.42 -7.91
N ASP A 76 12.50 1.17 -7.58
CA ASP A 76 13.35 0.27 -8.37
C ASP A 76 14.55 -0.13 -7.54
N PHE A 77 15.32 -1.11 -7.99
CA PHE A 77 16.43 -1.61 -7.18
C PHE A 77 17.56 -0.57 -7.00
N ALA A 78 17.82 0.24 -8.02
CA ALA A 78 18.89 1.24 -7.91
C ALA A 78 18.56 2.27 -6.84
N THR A 79 17.32 2.71 -6.82
CA THR A 79 16.86 3.68 -5.84
C THR A 79 16.91 3.09 -4.43
N MET A 80 16.52 1.81 -4.29
CA MET A 80 16.65 1.14 -2.98
C MET A 80 18.12 1.11 -2.54
N ARG A 81 19.01 0.81 -3.47
CA ARG A 81 20.43 0.70 -3.12
C ARG A 81 20.98 2.04 -2.63
N LYS A 82 20.56 3.13 -3.26
CA LYS A 82 20.95 4.47 -2.80
C LYS A 82 20.51 4.74 -1.37
N ARG A 83 19.26 4.45 -1.06
CA ARG A 83 18.75 4.64 0.29
C ARG A 83 19.50 3.74 1.28
N LEU A 84 19.74 2.50 0.88
CA LEU A 84 20.45 1.54 1.72
C LEU A 84 21.86 2.00 2.09
N GLU A 85 22.60 2.50 1.10
CA GLU A 85 23.98 2.91 1.34
C GLU A 85 24.07 4.19 2.18
N ALA A 86 22.97 4.91 2.26
CA ALA A 86 22.88 6.05 3.17
C ALA A 86 22.29 5.62 4.52
N GLN A 87 22.23 4.31 4.74
CA GLN A 87 21.62 3.74 5.95
C GLN A 87 20.24 4.33 6.21
N GLY A 88 19.44 4.41 5.15
CA GLY A 88 18.13 5.03 5.23
C GLY A 88 16.98 4.08 5.56
N TYR A 89 17.28 2.79 5.75
CA TYR A 89 16.25 1.85 6.22
C TYR A 89 16.48 1.54 7.71
N LYS A 90 15.56 1.97 8.56
CA LYS A 90 15.74 1.83 10.01
C LYS A 90 15.31 0.45 10.52
N ASN A 91 14.52 -0.25 9.71
CA ASN A 91 14.03 -1.58 10.07
C ASN A 91 13.68 -2.35 8.80
N LEU A 92 13.38 -3.64 8.93
CA LEU A 92 13.11 -4.46 7.76
C LEU A 92 11.78 -4.08 7.10
N HIS A 93 10.83 -3.61 7.90
CA HIS A 93 9.52 -3.24 7.35
C HIS A 93 9.64 -2.16 6.29
N GLU A 94 10.48 -1.17 6.55
CA GLU A 94 10.67 -0.07 5.60
C GLU A 94 11.27 -0.57 4.29
N PHE A 95 12.20 -1.52 4.40
CA PHE A 95 12.83 -2.14 3.24
C PHE A 95 11.80 -2.93 2.45
N GLU A 96 11.01 -3.73 3.14
CA GLU A 96 9.96 -4.51 2.51
CA GLU A 96 9.96 -4.51 2.51
C GLU A 96 8.93 -3.63 1.80
N GLU A 97 8.59 -2.50 2.41
N GLU A 97 8.60 -2.49 2.39
CA GLU A 97 7.66 -1.56 1.80
CA GLU A 97 7.63 -1.58 1.78
C GLU A 97 8.12 -1.13 0.40
C GLU A 97 8.11 -1.06 0.41
N ASP A 98 9.40 -0.82 0.28
CA ASP A 98 9.97 -0.39 -1.00
C ASP A 98 10.00 -1.55 -2.00
N PHE A 99 10.33 -2.76 -1.55
CA PHE A 99 10.34 -3.92 -2.44
C PHE A 99 8.93 -4.19 -2.95
N ASP A 100 7.96 -4.09 -2.06
CA ASP A 100 6.58 -4.30 -2.47
C ASP A 100 6.12 -3.25 -3.49
N LEU A 101 6.61 -2.02 -3.38
CA LEU A 101 6.30 -0.98 -4.36
C LEU A 101 6.78 -1.37 -5.75
N ILE A 102 7.97 -1.95 -5.84
CA ILE A 102 8.49 -2.37 -7.15
C ILE A 102 7.51 -3.33 -7.83
N ILE A 103 7.09 -4.34 -7.08
CA ILE A 103 6.15 -5.36 -7.57
CA ILE A 103 6.17 -5.35 -7.59
C ILE A 103 4.77 -4.80 -7.84
N ASP A 104 4.21 -4.09 -6.85
CA ASP A 104 2.84 -3.63 -6.96
C ASP A 104 2.65 -2.57 -8.04
N ASN A 105 3.63 -1.70 -8.23
CA ASN A 105 3.56 -0.67 -9.29
C ASN A 105 3.50 -1.33 -10.65
N CYS A 106 4.36 -2.33 -10.83
CA CYS A 106 4.44 -3.05 -12.09
C CYS A 106 3.14 -3.79 -12.41
N MET A 107 2.54 -4.42 -11.39
CA MET A 107 1.35 -5.22 -11.62
C MET A 107 0.12 -4.33 -11.84
N LYS A 108 0.23 -3.04 -11.55
CA LYS A 108 -0.88 -2.14 -11.89
CA LYS A 108 -0.82 -2.06 -11.87
C LYS A 108 -0.69 -1.53 -13.28
N TYR A 109 0.51 -1.04 -13.60
CA TYR A 109 0.74 -0.36 -14.87
C TYR A 109 0.66 -1.33 -16.03
N ASN A 110 1.16 -2.54 -15.82
CA ASN A 110 1.23 -3.52 -16.91
C ASN A 110 0.14 -4.59 -16.81
N ALA A 111 -0.37 -5.05 -17.94
CA ALA A 111 -1.43 -6.06 -17.92
C ALA A 111 -0.89 -7.45 -17.66
N ARG A 112 -1.79 -8.36 -17.29
CA ARG A 112 -1.42 -9.75 -16.98
C ARG A 112 -0.68 -10.51 -18.08
N ASP A 113 -0.93 -10.16 -19.34
CA ASP A 113 -0.35 -10.90 -20.44
C ASP A 113 1.00 -10.33 -20.90
N THR A 114 1.65 -9.56 -20.05
CA THR A 114 2.92 -8.93 -20.42
C THR A 114 4.10 -9.56 -19.69
N VAL A 115 5.26 -9.48 -20.33
CA VAL A 115 6.49 -9.99 -19.73
C VAL A 115 6.80 -9.21 -18.43
N PHE A 116 6.38 -7.95 -18.38
CA PHE A 116 6.65 -7.13 -17.20
C PHE A 116 5.85 -7.62 -15.99
N TYR A 117 4.55 -7.80 -16.15
CA TYR A 117 3.71 -8.28 -15.06
C TYR A 117 4.18 -9.65 -14.58
N ARG A 118 4.49 -10.52 -15.53
CA ARG A 118 4.88 -11.88 -15.18
C ARG A 118 6.21 -11.91 -14.46
N ALA A 119 7.10 -10.99 -14.83
CA ALA A 119 8.38 -10.90 -14.14
C ALA A 119 8.17 -10.48 -12.69
N ALA A 120 7.22 -9.58 -12.47
CA ALA A 120 6.92 -9.13 -11.10
C ALA A 120 6.33 -10.26 -10.25
N VAL A 121 5.46 -11.07 -10.85
CA VAL A 121 4.89 -12.21 -10.12
C VAL A 121 5.99 -13.17 -9.69
N ARG A 122 6.92 -13.46 -10.59
CA ARG A 122 8.02 -14.37 -10.30
C ARG A 122 8.96 -13.80 -9.24
N LEU A 123 9.21 -12.50 -9.32
CA LEU A 123 10.06 -11.83 -8.32
C LEU A 123 9.40 -11.85 -6.94
N ARG A 124 8.10 -11.59 -6.89
CA ARG A 124 7.35 -11.64 -5.65
CA ARG A 124 7.38 -11.64 -5.62
C ARG A 124 7.43 -13.04 -5.01
N ASP A 125 7.22 -14.05 -5.84
CA ASP A 125 7.17 -15.43 -5.34
C ASP A 125 8.53 -15.89 -4.82
N GLN A 126 9.57 -15.66 -5.61
CA GLN A 126 10.91 -16.08 -5.24
C GLN A 126 11.50 -15.23 -4.12
N GLY A 127 11.11 -13.97 -4.08
CA GLY A 127 11.58 -13.04 -3.06
C GLY A 127 10.98 -13.30 -1.70
N GLY A 128 9.75 -13.84 -1.69
CA GLY A 128 9.08 -14.16 -0.44
C GLY A 128 9.91 -15.10 0.41
N VAL A 129 10.52 -16.08 -0.24
CA VAL A 129 11.39 -17.05 0.42
C VAL A 129 12.54 -16.37 1.17
N VAL A 130 13.20 -15.45 0.47
CA VAL A 130 14.32 -14.69 1.00
C VAL A 130 13.90 -13.83 2.19
N LEU A 131 12.80 -13.11 2.03
CA LEU A 131 12.31 -12.20 3.06
C LEU A 131 11.83 -12.95 4.30
N ARG A 132 11.29 -14.15 4.10
CA ARG A 132 10.84 -14.96 5.22
C ARG A 132 11.98 -15.23 6.19
N GLN A 133 13.14 -15.61 5.67
CA GLN A 133 14.27 -15.95 6.53
C GLN A 133 14.97 -14.69 7.02
N ALA A 134 14.91 -13.62 6.23
CA ALA A 134 15.47 -12.33 6.65
C ALA A 134 14.79 -11.83 7.91
N ARG A 135 13.48 -11.99 7.98
CA ARG A 135 12.72 -11.59 9.16
C ARG A 135 13.16 -12.38 10.39
N ARG A 136 13.33 -13.67 10.23
CA ARG A 136 13.80 -14.50 11.33
C ARG A 136 15.18 -14.02 11.82
N GLU A 137 16.07 -13.69 10.89
CA GLU A 137 17.43 -13.25 11.21
C GLU A 137 17.47 -11.90 11.90
N VAL A 138 16.61 -10.98 11.46
CA VAL A 138 16.54 -9.67 12.09
C VAL A 138 16.05 -9.80 13.52
N ASP A 139 14.99 -10.59 13.73
CA ASP A 139 14.48 -10.86 15.07
C ASP A 139 15.50 -11.57 15.95
N SER A 140 16.11 -12.62 15.42
CA SER A 140 17.05 -13.44 16.19
C SER A 140 18.25 -12.63 16.65
N ILE A 141 18.97 -12.03 15.69
CA ILE A 141 20.13 -11.20 16.01
C ILE A 141 19.73 -9.93 16.76
N GLY A 142 18.49 -9.50 16.57
CA GLY A 142 17.98 -8.30 17.22
C GLY A 142 18.56 -7.03 16.64
N LEU A 143 18.25 -6.76 15.37
CA LEU A 143 18.88 -5.65 14.66
C LEU A 143 17.99 -4.42 14.50
N GLU A 144 16.85 -4.39 15.18
CA GLU A 144 15.95 -3.26 15.07
C GLU A 144 15.18 -3.01 16.37
N SER B 22 -15.72 7.58 34.86
CA SER B 22 -14.63 8.54 34.96
C SER B 22 -14.62 9.44 33.75
N MET B 23 -14.04 10.63 33.87
CA MET B 23 -13.98 11.51 32.72
C MET B 23 -13.04 10.94 31.64
N GLU B 24 -12.11 10.07 32.02
CA GLU B 24 -11.27 9.40 31.04
C GLU B 24 -12.11 8.50 30.11
N GLN B 25 -13.09 7.80 30.68
CA GLN B 25 -14.02 7.00 29.88
C GLN B 25 -14.88 7.86 28.96
N VAL B 26 -15.34 8.99 29.49
CA VAL B 26 -16.15 9.90 28.71
C VAL B 26 -15.34 10.39 27.49
N ALA B 27 -14.09 10.76 27.72
CA ALA B 27 -13.29 11.26 26.61
C ALA B 27 -13.04 10.18 25.55
N MET B 28 -12.82 8.95 25.98
N MET B 28 -12.81 8.95 25.98
CA MET B 28 -12.57 7.87 25.03
CA MET B 28 -12.58 7.85 25.04
C MET B 28 -13.82 7.56 24.20
C MET B 28 -13.82 7.58 24.20
N GLU B 29 -14.98 7.55 24.84
CA GLU B 29 -16.22 7.32 24.11
C GLU B 29 -16.50 8.47 23.15
N LEU B 30 -16.21 9.71 23.54
CA LEU B 30 -16.36 10.84 22.60
C LEU B 30 -15.43 10.72 21.39
N ARG B 31 -14.19 10.30 21.60
N ARG B 31 -14.18 10.31 21.61
CA ARG B 31 -13.26 10.16 20.47
CA ARG B 31 -13.24 10.13 20.51
C ARG B 31 -13.72 9.03 19.54
C ARG B 31 -13.78 9.07 19.56
N LEU B 32 -14.29 7.98 20.13
CA LEU B 32 -14.85 6.88 19.33
C LEU B 32 -16.03 7.38 18.46
N THR B 33 -16.95 8.10 19.07
CA THR B 33 -18.15 8.49 18.31
C THR B 33 -17.84 9.59 17.29
N GLU B 34 -16.90 10.45 17.62
CA GLU B 34 -16.49 11.50 16.67
C GLU B 34 -15.70 10.93 15.50
N LEU B 35 -14.84 9.95 15.76
CA LEU B 35 -14.16 9.25 14.64
C LEU B 35 -15.19 8.58 13.74
N THR B 36 -16.21 7.95 14.34
CA THR B 36 -17.23 7.26 13.55
C THR B 36 -18.04 8.26 12.71
N ARG B 37 -18.35 9.42 13.28
CA ARG B 37 -19.03 10.47 12.53
CA ARG B 37 -19.04 10.48 12.54
C ARG B 37 -18.21 10.92 11.33
N LEU B 38 -16.91 11.11 11.55
CA LEU B 38 -16.01 11.52 10.47
C LEU B 38 -15.94 10.48 9.36
N LEU B 39 -15.69 9.23 9.75
CA LEU B 39 -15.53 8.17 8.74
C LEU B 39 -16.82 7.95 7.97
N ARG B 40 -17.96 8.07 8.64
CA ARG B 40 -19.25 7.94 7.97
C ARG B 40 -19.38 9.01 6.89
N SER B 41 -18.95 10.23 7.21
CA SER B 41 -19.02 11.32 6.25
C SER B 41 -18.09 11.07 5.06
N VAL B 42 -16.88 10.63 5.37
CA VAL B 42 -15.90 10.30 4.33
C VAL B 42 -16.44 9.21 3.41
N LEU B 43 -16.97 8.14 3.99
CA LEU B 43 -17.48 7.04 3.16
C LEU B 43 -18.66 7.50 2.28
N ASP B 44 -19.55 8.31 2.82
N ASP B 44 -19.53 8.32 2.85
CA ASP B 44 -20.67 8.81 2.04
CA ASP B 44 -20.65 8.87 2.11
C ASP B 44 -20.16 9.68 0.89
C ASP B 44 -20.18 9.69 0.91
N GLN B 45 -19.14 10.49 1.14
CA GLN B 45 -18.55 11.32 0.08
C GLN B 45 -17.90 10.47 -1.00
N LEU B 46 -17.23 9.40 -0.61
CA LEU B 46 -16.56 8.55 -1.60
C LEU B 46 -17.59 7.83 -2.48
N GLN B 47 -18.61 7.25 -1.85
CA GLN B 47 -19.65 6.54 -2.61
C GLN B 47 -20.44 7.46 -3.54
N ASP B 48 -20.66 8.70 -3.13
CA ASP B 48 -21.37 9.65 -3.99
CA ASP B 48 -21.36 9.68 -3.98
C ASP B 48 -20.61 9.92 -5.29
N LYS B 49 -19.32 9.61 -5.31
CA LYS B 49 -18.49 9.81 -6.50
C LYS B 49 -18.55 8.62 -7.45
N ASP B 50 -19.30 7.60 -7.06
CA ASP B 50 -19.35 6.34 -7.83
C ASP B 50 -20.81 5.97 -8.18
N PRO B 51 -21.48 6.81 -8.99
CA PRO B 51 -22.87 6.51 -9.33
C PRO B 51 -23.06 5.26 -10.19
N ALA B 52 -22.01 4.82 -10.88
CA ALA B 52 -22.08 3.58 -11.66
C ALA B 52 -22.00 2.34 -10.75
N ARG B 53 -21.77 2.58 -9.45
CA ARG B 53 -21.68 1.52 -8.45
CA ARG B 53 -21.67 1.51 -8.45
C ARG B 53 -20.61 0.47 -8.79
N ILE B 54 -19.50 0.92 -9.38
CA ILE B 54 -18.40 0.03 -9.72
C ILE B 54 -17.74 -0.57 -8.48
N PHE B 55 -17.71 0.22 -7.40
CA PHE B 55 -17.05 -0.20 -6.17
C PHE B 55 -18.03 -0.44 -5.03
N ALA B 56 -19.33 -0.50 -5.32
CA ALA B 56 -20.34 -0.54 -4.27
C ALA B 56 -20.43 -1.86 -3.51
N GLN B 57 -20.17 -2.95 -4.22
CA GLN B 57 -20.38 -4.31 -3.71
C GLN B 57 -19.21 -5.21 -4.07
N PRO B 58 -19.04 -6.33 -3.35
CA PRO B 58 -18.02 -7.30 -3.76
C PRO B 58 -18.14 -7.71 -5.21
N VAL B 59 -17.01 -7.88 -5.88
CA VAL B 59 -16.99 -8.41 -7.24
C VAL B 59 -17.65 -9.78 -7.24
N SER B 60 -18.52 -10.02 -8.21
CA SER B 60 -19.23 -11.30 -8.33
C SER B 60 -18.36 -12.36 -9.00
N LEU B 61 -18.14 -13.47 -8.30
CA LEU B 61 -17.38 -14.58 -8.87
C LEU B 61 -18.14 -15.25 -10.01
N LYS B 62 -19.47 -15.12 -10.00
CA LYS B 62 -20.26 -15.62 -11.13
C LYS B 62 -19.91 -14.83 -12.40
N GLU B 63 -19.85 -13.51 -12.26
CA GLU B 63 -19.55 -12.64 -13.40
C GLU B 63 -18.05 -12.61 -13.72
N VAL B 64 -17.21 -12.78 -12.70
CA VAL B 64 -15.75 -12.71 -12.89
C VAL B 64 -15.07 -13.92 -12.23
N PRO B 65 -15.17 -15.09 -12.89
CA PRO B 65 -14.70 -16.36 -12.30
C PRO B 65 -13.23 -16.39 -11.90
N ASP B 66 -12.37 -15.61 -12.55
CA ASP B 66 -10.94 -15.68 -12.25
C ASP B 66 -10.47 -14.60 -11.27
N TYR B 67 -11.40 -13.90 -10.63
CA TYR B 67 -11.00 -12.74 -9.81
C TYR B 67 -10.04 -13.10 -8.69
N LEU B 68 -10.32 -14.20 -7.99
CA LEU B 68 -9.50 -14.61 -6.85
C LEU B 68 -8.21 -15.32 -7.26
N ASP B 69 -8.08 -15.65 -8.54
CA ASP B 69 -6.80 -16.12 -9.06
C ASP B 69 -5.77 -15.01 -8.90
N HIS B 70 -6.23 -13.76 -8.91
CA HIS B 70 -5.33 -12.62 -8.98
C HIS B 70 -5.42 -11.69 -7.78
N ILE B 71 -6.61 -11.54 -7.21
CA ILE B 71 -6.79 -10.60 -6.11
C ILE B 71 -6.91 -11.36 -4.79
N LYS B 72 -5.97 -11.12 -3.89
CA LYS B 72 -5.90 -11.89 -2.65
C LYS B 72 -6.82 -11.36 -1.55
N HIS B 73 -7.05 -10.06 -1.53
CA HIS B 73 -7.95 -9.47 -0.52
C HIS B 73 -8.97 -8.50 -1.12
N PRO B 74 -10.11 -9.04 -1.57
CA PRO B 74 -11.16 -8.19 -2.16
C PRO B 74 -11.68 -7.14 -1.18
N MET B 75 -12.13 -6.00 -1.69
CA MET B 75 -12.70 -4.97 -0.85
C MET B 75 -13.67 -4.13 -1.69
N ASP B 76 -14.63 -3.52 -1.02
CA ASP B 76 -15.69 -2.74 -1.66
C ASP B 76 -16.32 -1.85 -0.61
N PHE B 77 -17.16 -0.90 -1.05
CA PHE B 77 -17.71 0.09 -0.13
C PHE B 77 -18.70 -0.50 0.88
N ALA B 78 -19.48 -1.51 0.48
CA ALA B 78 -20.46 -2.12 1.39
C ALA B 78 -19.75 -2.83 2.54
N THR B 79 -18.65 -3.52 2.20
CA THR B 79 -17.85 -4.21 3.20
C THR B 79 -17.21 -3.20 4.15
N MET B 80 -16.78 -2.06 3.60
CA MET B 80 -16.24 -0.99 4.45
C MET B 80 -17.32 -0.43 5.40
N ARG B 81 -18.53 -0.23 4.89
CA ARG B 81 -19.62 0.31 5.70
C ARG B 81 -19.97 -0.64 6.85
N LYS B 82 -19.96 -1.94 6.55
CA LYS B 82 -20.22 -2.97 7.55
C LYS B 82 -19.19 -2.90 8.66
N ARG B 83 -17.92 -2.78 8.27
CA ARG B 83 -16.84 -2.69 9.24
C ARG B 83 -16.95 -1.41 10.07
N LEU B 84 -17.24 -0.31 9.41
CA LEU B 84 -17.42 0.98 10.08
C LEU B 84 -18.51 0.93 11.16
N GLU B 85 -19.69 0.48 10.77
CA GLU B 85 -20.85 0.55 11.68
C GLU B 85 -20.76 -0.49 12.78
N ALA B 86 -19.91 -1.49 12.59
CA ALA B 86 -19.65 -2.50 13.63
C ALA B 86 -18.54 -2.11 14.58
N GLN B 87 -18.08 -0.86 14.48
CA GLN B 87 -16.98 -0.35 15.30
C GLN B 87 -15.64 -1.06 15.01
N GLY B 88 -15.42 -1.45 13.76
CA GLY B 88 -14.22 -2.19 13.38
C GLY B 88 -13.05 -1.35 12.87
N TYR B 89 -13.23 -0.04 12.80
CA TYR B 89 -12.10 0.84 12.47
C TYR B 89 -11.59 1.55 13.72
N LYS B 90 -10.36 1.28 14.12
CA LYS B 90 -9.79 1.88 15.33
C LYS B 90 -9.23 3.30 15.11
N ASN B 91 -8.87 3.60 13.87
CA ASN B 91 -8.32 4.90 13.52
C ASN B 91 -8.51 5.17 12.02
N LEU B 92 -8.17 6.37 11.59
CA LEU B 92 -8.34 6.76 10.18
C LEU B 92 -7.46 5.91 9.27
N HIS B 93 -6.26 5.58 9.74
CA HIS B 93 -5.36 4.82 8.88
C HIS B 93 -5.94 3.46 8.46
N GLU B 94 -6.59 2.76 9.39
CA GLU B 94 -7.23 1.48 9.07
C GLU B 94 -8.29 1.63 7.96
N PHE B 95 -9.05 2.73 7.99
CA PHE B 95 -10.04 3.03 6.97
C PHE B 95 -9.34 3.31 5.63
N GLU B 96 -8.28 4.12 5.68
CA GLU B 96 -7.49 4.43 4.50
CA GLU B 96 -7.49 4.43 4.49
C GLU B 96 -6.96 3.16 3.82
N GLU B 97 -6.47 2.23 4.63
CA GLU B 97 -5.96 0.97 4.08
C GLU B 97 -7.00 0.18 3.30
N ASP B 98 -8.24 0.15 3.79
CA ASP B 98 -9.30 -0.54 3.06
C ASP B 98 -9.64 0.21 1.74
N PHE B 99 -9.66 1.54 1.79
CA PHE B 99 -9.91 2.32 0.57
C PHE B 99 -8.82 2.04 -0.46
N ASP B 100 -7.57 2.03 -0.02
CA ASP B 100 -6.46 1.71 -0.92
C ASP B 100 -6.60 0.31 -1.53
N LEU B 101 -7.18 -0.63 -0.79
CA LEU B 101 -7.39 -1.98 -1.32
C LEU B 101 -8.34 -1.92 -2.50
N ILE B 102 -9.41 -1.15 -2.32
CA ILE B 102 -10.41 -1.01 -3.39
C ILE B 102 -9.74 -0.51 -4.67
N ILE B 103 -8.94 0.53 -4.53
CA ILE B 103 -8.26 1.16 -5.67
C ILE B 103 -7.19 0.24 -6.26
N ASP B 104 -6.35 -0.31 -5.38
CA ASP B 104 -5.24 -1.12 -5.85
C ASP B 104 -5.72 -2.40 -6.53
N ASN B 105 -6.76 -3.04 -5.98
CA ASN B 105 -7.26 -4.27 -6.59
C ASN B 105 -7.77 -4.01 -7.99
N CYS B 106 -8.47 -2.89 -8.15
CA CYS B 106 -9.04 -2.52 -9.44
C CYS B 106 -7.95 -2.19 -10.47
N MET B 107 -6.90 -1.49 -10.04
CA MET B 107 -5.81 -1.15 -10.95
C MET B 107 -4.95 -2.37 -11.28
N LYS B 108 -4.91 -3.34 -10.38
CA LYS B 108 -4.17 -4.58 -10.64
CA LYS B 108 -4.18 -4.58 -10.64
C LYS B 108 -4.94 -5.51 -11.57
N TYR B 109 -6.25 -5.63 -11.35
CA TYR B 109 -7.06 -6.57 -12.14
C TYR B 109 -7.33 -6.08 -13.55
N ASN B 110 -7.58 -4.78 -13.70
CA ASN B 110 -7.93 -4.23 -15.00
C ASN B 110 -6.73 -3.64 -15.74
N ALA B 111 -6.75 -3.76 -17.07
CA ALA B 111 -5.68 -3.14 -17.87
C ALA B 111 -5.78 -1.61 -17.82
N ARG B 112 -4.67 -0.91 -17.99
CA ARG B 112 -4.70 0.55 -17.77
C ARG B 112 -5.58 1.29 -18.77
N ASP B 113 -5.70 0.79 -20.00
CA ASP B 113 -6.52 1.44 -21.00
C ASP B 113 -7.93 0.85 -20.97
N THR B 114 -8.59 0.97 -19.83
CA THR B 114 -9.97 0.50 -19.63
C THR B 114 -10.76 1.49 -18.78
N VAL B 115 -12.07 1.45 -18.91
CA VAL B 115 -12.94 2.34 -18.15
C VAL B 115 -12.86 2.09 -16.65
N PHE B 116 -12.81 0.81 -16.24
N PHE B 116 -12.81 0.81 -16.27
CA PHE B 116 -12.76 0.54 -14.80
CA PHE B 116 -12.74 0.46 -14.84
C PHE B 116 -11.43 0.97 -14.18
C PHE B 116 -11.44 0.93 -14.19
N TYR B 117 -10.32 0.77 -14.90
CA TYR B 117 -9.04 1.23 -14.38
C TYR B 117 -9.05 2.74 -14.24
N ARG B 118 -9.55 3.44 -15.25
CA ARG B 118 -9.61 4.90 -15.14
C ARG B 118 -10.59 5.34 -14.03
N ALA B 119 -11.62 4.56 -13.75
CA ALA B 119 -12.52 4.91 -12.64
C ALA B 119 -11.76 4.84 -11.30
N ALA B 120 -10.89 3.83 -11.16
CA ALA B 120 -10.08 3.73 -9.93
C ALA B 120 -9.10 4.90 -9.80
N VAL B 121 -8.48 5.28 -10.92
CA VAL B 121 -7.59 6.42 -10.90
C VAL B 121 -8.34 7.71 -10.51
N ARG B 122 -9.55 7.88 -11.05
CA ARG B 122 -10.40 9.02 -10.70
C ARG B 122 -10.76 9.04 -9.21
N LEU B 123 -11.23 7.92 -8.69
CA LEU B 123 -11.61 7.82 -7.27
C LEU B 123 -10.38 7.96 -6.36
N ARG B 124 -9.24 7.48 -6.83
CA ARG B 124 -8.00 7.63 -6.06
C ARG B 124 -7.65 9.12 -5.88
N ASP B 125 -7.73 9.88 -6.96
CA ASP B 125 -7.43 11.32 -6.93
C ASP B 125 -8.38 12.05 -6.01
N GLN B 126 -9.67 11.81 -6.20
CA GLN B 126 -10.69 12.50 -5.40
CA GLN B 126 -10.68 12.52 -5.41
C GLN B 126 -10.66 12.03 -3.96
N GLY B 127 -10.46 10.73 -3.78
CA GLY B 127 -10.45 10.16 -2.45
C GLY B 127 -9.27 10.61 -1.64
N GLY B 128 -8.14 10.76 -2.31
CA GLY B 128 -6.93 11.27 -1.68
C GLY B 128 -7.17 12.63 -1.05
N VAL B 129 -7.86 13.50 -1.77
CA VAL B 129 -8.16 14.83 -1.24
C VAL B 129 -9.09 14.73 -0.04
N VAL B 130 -10.12 13.89 -0.12
CA VAL B 130 -11.06 13.73 0.99
C VAL B 130 -10.33 13.20 2.22
N LEU B 131 -9.46 12.22 2.02
CA LEU B 131 -8.76 11.59 3.15
C LEU B 131 -7.71 12.53 3.76
N ARG B 132 -7.10 13.38 2.95
CA ARG B 132 -6.16 14.37 3.53
C ARG B 132 -6.91 15.39 4.37
N GLN B 133 -8.12 15.76 3.94
CA GLN B 133 -8.98 16.66 4.73
C GLN B 133 -9.44 15.96 6.00
N ALA B 134 -9.73 14.66 5.89
CA ALA B 134 -10.10 13.89 7.07
C ALA B 134 -8.96 13.89 8.09
N ARG B 135 -7.72 13.80 7.63
CA ARG B 135 -6.57 13.81 8.53
C ARG B 135 -6.44 15.16 9.25
N ARG B 136 -6.67 16.26 8.52
CA ARG B 136 -6.73 17.58 9.15
C ARG B 136 -7.81 17.63 10.24
N GLU B 137 -8.95 16.99 9.99
CA GLU B 137 -10.03 16.97 10.99
C GLU B 137 -9.66 16.12 12.21
N VAL B 138 -9.01 14.97 11.96
CA VAL B 138 -8.51 14.15 13.07
C VAL B 138 -7.62 14.99 13.98
N ASP B 139 -6.73 15.76 13.38
CA ASP B 139 -5.83 16.57 14.19
C ASP B 139 -6.56 17.71 14.90
N SER B 140 -7.49 18.35 14.20
CA SER B 140 -8.20 19.48 14.77
C SER B 140 -9.09 19.05 15.93
N ILE B 141 -9.81 17.93 15.75
CA ILE B 141 -10.73 17.41 16.77
C ILE B 141 -10.00 16.74 17.94
N GLY B 142 -8.80 16.23 17.67
CA GLY B 142 -7.96 15.60 18.69
C GLY B 142 -8.21 14.11 18.86
N LEU B 143 -8.47 13.43 17.75
CA LEU B 143 -8.94 12.04 17.81
C LEU B 143 -7.82 11.05 18.09
N GLU B 144 -6.57 11.42 17.86
CA GLU B 144 -5.45 10.54 18.15
C GLU B 144 -4.55 11.05 19.27
C1 EDO C . 6.72 0.43 -17.39
O1 EDO C . 6.41 -0.61 -16.46
C2 EDO C . 6.99 -0.20 -18.75
O2 EDO C . 5.76 -0.66 -19.30
C1 EDO D . 8.32 -2.77 -15.12
C1 EDO D . 8.65 -2.55 -15.22
O1 EDO D . 8.43 -2.06 -16.36
O1 EDO D . 9.71 -2.17 -16.11
C2 EDO D . 8.82 -1.86 -14.00
C2 EDO D . 8.81 -1.75 -13.93
O2 EDO D . 10.04 -1.24 -14.43
O2 EDO D . 7.61 -1.89 -13.16
NA NA E . -3.58 -2.83 -14.50
C1 EDO F . -12.88 -4.11 -10.98
O1 EDO F . -12.84 -5.42 -11.56
C2 EDO F . -14.22 -3.87 -10.29
O2 EDO F . -14.00 -3.09 -9.11
C1 EDO G . -5.60 9.45 5.91
O1 EDO G . -4.91 8.45 6.66
C2 EDO G . -4.61 10.33 5.16
O2 EDO G . -3.66 10.89 6.06
C1 EDO H . -16.07 3.26 13.60
O1 EDO H . -15.69 1.96 13.11
C2 EDO H . -14.88 3.97 14.25
O2 EDO H . -14.53 3.26 15.46
N1 8S4 I . -9.67 7.31 17.77
N3 8S4 I . -7.80 6.86 16.84
C4 8S4 I . -11.84 5.15 17.87
C5 8S4 I . -11.13 5.79 18.88
C6 8S4 I . -10.83 7.25 18.68
C7 8S4 I . -9.52 8.15 16.75
C8 8S4 I . -10.70 5.08 20.00
C1 8S4 I . -12.71 1.19 18.05
O1 8S4 I . -12.04 1.78 19.16
C2 8S4 I . -11.73 3.10 19.09
C3 8S4 I . -12.13 3.81 17.98
N2 8S4 I . -8.37 7.89 16.17
N4 8S4 I . -8.59 6.51 17.81
C9 8S4 I . -11.02 3.73 20.10
#